data_6PL3
#
_entry.id   6PL3
#
_cell.length_a   52.746
_cell.length_b   52.746
_cell.length_c   232.764
_cell.angle_alpha   90.00
_cell.angle_beta   90.00
_cell.angle_gamma   120.00
#
_symmetry.space_group_name_H-M   'P 31 1 2'
#
loop_
_entity.id
_entity.type
_entity.pdbx_description
1 polymer 'High affinity nerve growth factor receptor'
2 non-polymer '2-[(3-tert-butyl-1-phenyl-1H-pyrazol-5-yl)amino]-2-oxoethyl 4-(1H-tetrazol-1-yl)benzoate'
3 water water
#
_entity_poly.entity_id   1
_entity_poly.type   'polypeptide(L)'
_entity_poly.pdbx_seq_one_letter_code
;GLQGHIIENPQYFSDACVHHIKRRDIVLKWELGEGAFGKVFLAECHNLLPEQDKMLVAVKALKEASESARQDFQREAELL
TMLQHQHIVRFFGVCTEGRPLLMVFEYMRHGDLNRFLRSHGPDAKLLAGGEDVAPGPLGLGQLLAVASQVAAGMVYLAGL
HFVHRDLATRNCLVGQGLVVKIGDFGMSRDIYSTDYYRVGGRTMLPIRWMPPESILYRKFTTESDVWSFGVVLWEIFTYG
KQPWYQLSNTEAIDCITQGRELERPRACPPEVYAIMRGCWQREPQQRHSIKDVHARLQALAQAPPVYLDVL
;
_entity_poly.pdbx_strand_id   A
#
loop_
_chem_comp.id
_chem_comp.type
_chem_comp.name
_chem_comp.formula
OOD non-polymer '2-[(3-tert-butyl-1-phenyl-1H-pyrazol-5-yl)amino]-2-oxoethyl 4-(1H-tetrazol-1-yl)benzoate' 'C23 H23 N7 O3'
#
# COMPACT_ATOMS: atom_id res chain seq x y z
N ALA A 16 -25.50 6.01 -7.71
CA ALA A 16 -25.00 4.63 -7.41
C ALA A 16 -25.32 4.22 -5.97
N CYS A 17 -24.95 2.98 -5.63
CA CYS A 17 -25.21 2.40 -4.30
C CYS A 17 -24.07 2.63 -3.28
N VAL A 18 -23.51 3.84 -3.28
CA VAL A 18 -22.54 4.28 -2.28
C VAL A 18 -23.30 5.00 -1.16
N HIS A 19 -22.63 5.20 -0.02
CA HIS A 19 -23.20 5.96 1.10
C HIS A 19 -22.89 7.42 0.96
N HIS A 20 -23.81 8.27 1.42
CA HIS A 20 -23.70 9.73 1.28
C HIS A 20 -23.62 10.43 2.61
N ILE A 21 -22.94 11.57 2.63
CA ILE A 21 -22.67 12.33 3.86
C ILE A 21 -22.96 13.82 3.63
N LYS A 22 -23.73 14.43 4.53
CA LYS A 22 -24.11 15.84 4.41
C LYS A 22 -22.93 16.76 4.77
N ARG A 23 -22.77 17.84 3.99
CA ARG A 23 -21.63 18.76 4.15
C ARG A 23 -21.55 19.41 5.54
N ARG A 24 -22.70 19.70 6.15
CA ARG A 24 -22.73 20.35 7.48
C ARG A 24 -22.19 19.47 8.62
N ASP A 25 -22.22 18.14 8.44
CA ASP A 25 -21.59 17.22 9.39
C ASP A 25 -20.05 17.25 9.34
N ILE A 26 -19.49 17.55 8.16
CA ILE A 26 -18.03 17.64 7.98
C ILE A 26 -17.54 19.05 8.34
N VAL A 27 -16.45 19.11 9.12
CA VAL A 27 -15.81 20.38 9.51
C VAL A 27 -14.27 20.26 9.38
N LEU A 28 -13.71 20.98 8.41
CA LEU A 28 -12.28 20.87 8.08
C LEU A 28 -11.40 21.60 9.12
N LYS A 29 -10.29 20.97 9.51
CA LYS A 29 -9.37 21.51 10.51
C LYS A 29 -8.11 22.10 9.86
N TRP A 30 -7.41 21.28 9.09
CA TRP A 30 -6.22 21.71 8.34
C TRP A 30 -5.84 20.72 7.26
N GLU A 31 -4.98 21.16 6.35
CA GLU A 31 -4.48 20.31 5.26
C GLU A 31 -3.44 19.31 5.79
N LEU A 32 -3.50 18.08 5.27
CA LEU A 32 -2.48 17.05 5.52
C LEU A 32 -1.52 16.90 4.34
N GLY A 33 -2.07 16.82 3.13
CA GLY A 33 -1.28 16.66 1.91
C GLY A 33 -1.98 17.20 0.67
N GLU A 34 -1.20 17.38 -0.39
CA GLU A 34 -1.67 18.00 -1.64
C GLU A 34 -1.01 17.36 -2.85
N GLY A 35 -1.77 16.52 -3.57
CA GLY A 35 -1.34 15.94 -4.83
C GLY A 35 -1.65 16.85 -6.02
N ALA A 36 -1.35 16.37 -7.22
CA ALA A 36 -1.66 17.10 -8.46
C ALA A 36 -3.15 17.06 -8.82
N PHE A 37 -3.84 16.00 -8.37
CA PHE A 37 -5.28 15.82 -8.62
C PHE A 37 -6.17 15.78 -7.36
N GLY A 38 -5.59 15.97 -6.18
CA GLY A 38 -6.37 15.94 -4.93
C GLY A 38 -5.68 16.47 -3.68
N LYS A 39 -6.41 17.28 -2.91
CA LYS A 39 -5.99 17.71 -1.58
C LYS A 39 -6.60 16.77 -0.54
N VAL A 40 -5.88 16.58 0.58
CA VAL A 40 -6.40 15.83 1.73
C VAL A 40 -6.37 16.71 2.97
N PHE A 41 -7.48 16.72 3.72
CA PHE A 41 -7.61 17.51 4.95
C PHE A 41 -7.95 16.60 6.12
N LEU A 42 -7.55 17.02 7.32
CA LEU A 42 -8.07 16.45 8.57
C LEU A 42 -9.35 17.19 8.91
N ALA A 43 -10.35 16.46 9.42
CA ALA A 43 -11.67 17.05 9.70
C ALA A 43 -12.44 16.26 10.76
N GLU A 44 -13.35 16.96 11.45
CA GLU A 44 -14.30 16.33 12.36
C GLU A 44 -15.53 15.91 11.56
N CYS A 45 -16.08 14.74 11.86
CA CYS A 45 -17.28 14.24 11.19
C CYS A 45 -18.33 13.81 12.23
N HIS A 46 -19.48 14.49 12.21
CA HIS A 46 -20.54 14.30 13.21
C HIS A 46 -21.55 13.28 12.76
N ASN A 47 -21.96 12.43 13.69
CA ASN A 47 -23.04 11.44 13.49
C ASN A 47 -22.75 10.37 12.41
N LEU A 48 -21.47 10.06 12.19
CA LEU A 48 -21.08 9.09 11.15
C LEU A 48 -21.25 7.66 11.67
N LEU A 49 -20.60 7.38 12.80
CA LEU A 49 -20.75 6.09 13.50
C LEU A 49 -21.68 6.25 14.72
N PRO A 50 -22.27 5.13 15.21
CA PRO A 50 -23.23 5.25 16.33
C PRO A 50 -22.58 5.58 17.68
N GLU A 51 -21.58 4.78 18.09
CA GLU A 51 -20.89 4.96 19.37
C GLU A 51 -20.05 6.24 19.44
N GLN A 52 -19.47 6.62 18.30
CA GLN A 52 -18.65 7.84 18.19
C GLN A 52 -19.48 9.01 17.67
N ASP A 53 -19.84 9.93 18.57
CA ASP A 53 -20.58 11.15 18.20
C ASP A 53 -19.71 12.11 17.40
N LYS A 54 -18.47 12.28 17.83
CA LYS A 54 -17.48 13.15 17.18
C LYS A 54 -16.18 12.37 16.98
N MET A 55 -15.87 12.02 15.73
CA MET A 55 -14.60 11.37 15.37
C MET A 55 -13.83 12.16 14.32
N LEU A 56 -12.54 11.84 14.16
CA LEU A 56 -11.68 12.44 13.13
C LEU A 56 -11.69 11.60 11.84
N VAL A 57 -11.49 12.28 10.71
CA VAL A 57 -11.48 11.65 9.39
C VAL A 57 -10.51 12.37 8.44
N ALA A 58 -10.06 11.65 7.41
CA ALA A 58 -9.34 12.23 6.28
C ALA A 58 -10.34 12.53 5.18
N VAL A 59 -10.26 13.72 4.60
CA VAL A 59 -11.22 14.17 3.57
C VAL A 59 -10.51 14.56 2.27
N LYS A 60 -10.61 13.68 1.26
CA LYS A 60 -10.02 13.95 -0.06
C LYS A 60 -10.98 14.77 -0.92
N ALA A 61 -10.57 15.99 -1.26
CA ALA A 61 -11.34 16.89 -2.13
C ALA A 61 -10.88 16.72 -3.57
N LEU A 62 -11.84 16.61 -4.50
CA LEU A 62 -11.55 16.46 -5.93
C LEU A 62 -11.11 17.79 -6.53
N LYS A 63 -10.12 17.73 -7.40
CA LYS A 63 -9.65 18.91 -8.15
C LYS A 63 -10.23 18.88 -9.58
N GLU A 64 -10.75 20.02 -10.02
CA GLU A 64 -11.34 20.20 -11.36
C GLU A 64 -12.48 19.22 -11.66
N SER A 66 -12.96 20.20 -14.76
CA SER A 66 -12.99 19.10 -15.73
C SER A 66 -14.27 18.26 -15.62
N GLU A 67 -14.77 17.80 -16.76
CA GLU A 67 -15.94 16.91 -16.83
C GLU A 67 -15.53 15.42 -16.81
N SER A 68 -14.35 15.12 -17.35
CA SER A 68 -13.80 13.75 -17.36
C SER A 68 -13.49 13.20 -15.96
N ALA A 69 -13.04 14.08 -15.06
CA ALA A 69 -12.66 13.69 -13.69
C ALA A 69 -13.86 13.30 -12.82
N ARG A 70 -15.02 13.91 -13.05
CA ARG A 70 -16.27 13.56 -12.34
C ARG A 70 -16.66 12.09 -12.48
N GLN A 71 -16.34 11.49 -13.63
CA GLN A 71 -16.58 10.06 -13.88
C GLN A 71 -15.58 9.17 -13.14
N ASP A 72 -14.31 9.56 -13.12
CA ASP A 72 -13.27 8.81 -12.39
C ASP A 72 -13.53 8.79 -10.88
N PHE A 73 -13.99 9.92 -10.35
CA PHE A 73 -14.52 10.02 -8.98
C PHE A 73 -15.61 8.99 -8.71
N GLN A 74 -16.56 8.88 -9.65
CA GLN A 74 -17.67 7.94 -9.56
C GLN A 74 -17.19 6.47 -9.49
N ARG A 75 -16.29 6.10 -10.39
CA ARG A 75 -15.71 4.74 -10.41
C ARG A 75 -15.00 4.37 -9.10
N GLU A 76 -14.19 5.29 -8.57
CA GLU A 76 -13.50 5.11 -7.27
C GLU A 76 -14.45 4.77 -6.14
N ALA A 77 -15.48 5.60 -5.97
CA ALA A 77 -16.47 5.45 -4.90
C ALA A 77 -17.20 4.10 -4.93
N GLU A 78 -17.44 3.56 -6.12
CA GLU A 78 -18.11 2.27 -6.29
C GLU A 78 -17.17 1.13 -5.92
N LEU A 79 -15.99 1.10 -6.55
CA LEU A 79 -14.92 0.13 -6.25
C LEU A 79 -14.62 0.06 -4.75
N LEU A 80 -14.36 1.21 -4.14
CA LEU A 80 -14.04 1.32 -2.71
C LEU A 80 -15.12 0.73 -1.81
N THR A 81 -16.38 0.98 -2.14
CA THR A 81 -17.52 0.49 -1.35
C THR A 81 -17.65 -1.04 -1.42
N MET A 82 -17.55 -1.60 -2.63
CA MET A 82 -17.67 -3.05 -2.82
C MET A 82 -16.42 -3.84 -2.41
N LEU A 83 -15.24 -3.20 -2.44
CA LEU A 83 -13.99 -3.83 -2.01
C LEU A 83 -13.58 -3.37 -0.60
N GLN A 84 -14.46 -3.61 0.38
CA GLN A 84 -14.16 -3.35 1.79
C GLN A 84 -13.78 -4.65 2.50
N HIS A 85 -12.76 -4.58 3.35
N HIS A 85 -12.72 -4.60 3.29
CA HIS A 85 -12.17 -5.74 4.01
CA HIS A 85 -12.29 -5.72 4.11
C HIS A 85 -11.27 -5.22 5.09
C HIS A 85 -11.36 -5.19 5.15
N GLN A 86 -11.07 -6.00 6.15
CA GLN A 86 -10.26 -5.58 7.34
C GLN A 86 -8.90 -4.92 7.04
N HIS A 87 -8.17 -5.43 6.04
CA HIS A 87 -6.85 -4.90 5.64
C HIS A 87 -6.83 -4.18 4.31
N ILE A 88 -8.00 -3.64 3.90
CA ILE A 88 -8.10 -2.67 2.80
C ILE A 88 -8.59 -1.33 3.37
N VAL A 89 -8.09 -0.22 2.81
CA VAL A 89 -8.41 1.14 3.27
C VAL A 89 -9.91 1.34 3.50
N ARG A 90 -10.25 1.93 4.66
CA ARG A 90 -11.65 2.07 5.07
C ARG A 90 -12.27 3.34 4.48
N PHE A 91 -13.49 3.21 3.95
CA PHE A 91 -14.16 4.26 3.19
C PHE A 91 -15.61 4.39 3.68
N PHE A 92 -15.96 5.58 4.17
CA PHE A 92 -17.28 5.84 4.76
C PHE A 92 -18.30 6.28 3.72
N GLY A 93 -17.91 7.20 2.84
CA GLY A 93 -18.80 7.68 1.77
C GLY A 93 -18.41 9.00 1.15
N VAL A 94 -19.28 9.50 0.27
CA VAL A 94 -19.05 10.76 -0.45
C VAL A 94 -19.90 11.91 0.10
N CYS A 95 -19.66 13.12 -0.41
CA CYS A 95 -20.51 14.28 -0.17
C CYS A 95 -20.79 14.96 -1.51
N THR A 96 -21.93 14.61 -2.12
CA THR A 96 -22.31 15.11 -3.44
C THR A 96 -22.90 16.53 -3.44
N GLU A 97 -23.51 16.95 -2.33
CA GLU A 97 -24.23 18.25 -2.26
C GLU A 97 -23.29 19.46 -2.34
N GLY A 98 -23.21 20.05 -3.55
CA GLY A 98 -22.37 21.21 -3.82
C GLY A 98 -20.91 20.86 -4.04
N ARG A 99 -20.27 21.56 -4.98
CA ARG A 99 -18.84 21.36 -5.25
C ARG A 99 -18.01 22.04 -4.14
N PRO A 100 -16.79 21.54 -3.87
CA PRO A 100 -16.11 20.39 -4.50
C PRO A 100 -16.54 19.05 -3.90
N LEU A 101 -16.46 18.00 -4.70
CA LEU A 101 -16.89 16.65 -4.29
C LEU A 101 -15.89 16.06 -3.29
N LEU A 102 -16.37 15.68 -2.11
CA LEU A 102 -15.53 15.15 -1.04
C LEU A 102 -15.63 13.63 -0.94
N MET A 103 -14.53 13.00 -0.56
CA MET A 103 -14.49 11.57 -0.20
C MET A 103 -14.00 11.45 1.24
N VAL A 104 -14.76 10.78 2.10
CA VAL A 104 -14.43 10.63 3.52
C VAL A 104 -13.76 9.30 3.81
N PHE A 105 -12.52 9.35 4.30
CA PHE A 105 -11.76 8.17 4.69
C PHE A 105 -11.46 8.14 6.19
N GLU A 106 -11.15 6.95 6.70
CA GLU A 106 -10.68 6.76 8.07
C GLU A 106 -9.28 7.36 8.21
N TYR A 107 -9.07 8.16 9.26
CA TYR A 107 -7.77 8.79 9.53
C TYR A 107 -6.77 7.76 10.06
N MET A 108 -5.54 7.82 9.56
CA MET A 108 -4.48 6.85 9.91
C MET A 108 -3.25 7.58 10.46
N ARG A 109 -3.12 7.56 11.78
CA ARG A 109 -2.03 8.19 12.55
C ARG A 109 -0.66 8.33 11.89
N HIS A 110 -0.10 7.21 11.46
CA HIS A 110 1.32 7.13 11.09
C HIS A 110 1.64 7.35 9.63
N GLY A 111 0.63 7.68 8.82
CA GLY A 111 0.84 7.97 7.40
C GLY A 111 1.11 6.72 6.60
N ASP A 112 1.79 6.87 5.45
CA ASP A 112 2.09 5.73 4.58
C ASP A 112 3.20 4.85 5.16
N LEU A 113 3.20 3.57 4.78
CA LEU A 113 4.09 2.56 5.37
C LEU A 113 5.57 2.80 5.07
N ASN A 114 5.88 3.39 3.91
CA ASN A 114 7.27 3.69 3.54
C ASN A 114 7.89 4.72 4.48
N ARG A 115 7.16 5.81 4.72
CA ARG A 115 7.55 6.85 5.68
C ARG A 115 7.73 6.30 7.09
N PHE A 116 6.80 5.42 7.50
CA PHE A 116 6.85 4.77 8.82
C PHE A 116 8.08 3.88 8.96
N LEU A 117 8.37 3.09 7.92
CA LEU A 117 9.55 2.21 7.90
C LEU A 117 10.87 3.01 7.98
N ARG A 118 10.93 4.12 7.23
CA ARG A 118 12.13 4.98 7.21
C ARG A 118 12.40 5.66 8.56
N SER A 119 11.33 6.06 9.25
CA SER A 119 11.43 6.72 10.56
C SER A 119 11.76 5.78 11.74
N HIS A 120 11.66 4.47 11.52
CA HIS A 120 12.01 3.46 12.53
C HIS A 120 12.98 2.46 11.95
N GLY A 121 14.02 2.98 11.30
CA GLY A 121 15.05 2.16 10.63
C GLY A 121 16.26 1.92 11.51
N PRO A 122 17.38 1.47 10.92
CA PRO A 122 18.64 1.32 11.64
C PRO A 122 19.39 2.65 11.81
N ASP A 123 18.81 3.76 11.33
CA ASP A 123 19.35 5.11 11.53
C ASP A 123 18.96 5.67 12.92
N ALA A 124 19.11 4.85 13.97
CA ALA A 124 18.69 5.18 15.34
C ALA A 124 17.20 5.48 15.45
N GLY A 129 11.10 5.93 20.86
CA GLY A 129 9.89 5.15 21.15
C GLY A 129 8.60 5.89 20.82
N GLY A 130 7.53 5.55 21.55
CA GLY A 130 6.22 6.18 21.36
C GLY A 130 5.08 5.41 21.98
N GLU A 131 3.86 5.73 21.52
CA GLU A 131 2.64 5.08 22.02
C GLU A 131 2.44 3.69 21.41
N ASP A 132 2.63 3.58 20.10
CA ASP A 132 2.40 2.35 19.34
C ASP A 132 3.64 1.46 19.16
N VAL A 133 4.83 2.04 19.29
CA VAL A 133 6.08 1.38 18.89
C VAL A 133 7.18 1.60 19.93
N ALA A 134 8.02 0.57 20.12
CA ALA A 134 9.20 0.67 20.99
C ALA A 134 10.30 1.49 20.33
N PRO A 135 11.30 1.96 21.12
CA PRO A 135 12.37 2.78 20.54
C PRO A 135 13.32 2.00 19.63
N GLY A 136 13.99 2.71 18.75
CA GLY A 136 14.96 2.11 17.83
C GLY A 136 14.30 1.39 16.66
N PRO A 137 15.07 0.51 15.98
CA PRO A 137 14.54 -0.30 14.86
C PRO A 137 13.39 -1.22 15.25
N LEU A 138 12.52 -1.51 14.28
CA LEU A 138 11.45 -2.48 14.47
C LEU A 138 12.06 -3.87 14.58
N GLY A 139 11.51 -4.70 15.46
CA GLY A 139 11.99 -6.06 15.66
C GLY A 139 11.51 -7.01 14.58
N LEU A 140 12.16 -8.17 14.52
CA LEU A 140 11.83 -9.23 13.54
C LEU A 140 10.34 -9.57 13.56
N GLY A 141 9.80 -9.77 14.76
CA GLY A 141 8.37 -10.05 14.94
C GLY A 141 7.44 -8.90 14.56
N GLN A 142 7.91 -7.68 14.75
CA GLN A 142 7.15 -6.48 14.37
C GLN A 142 7.13 -6.30 12.85
N LEU A 143 8.29 -6.48 12.20
CA LEU A 143 8.41 -6.46 10.74
C LEU A 143 7.51 -7.52 10.08
N LEU A 144 7.57 -8.75 10.61
CA LEU A 144 6.71 -9.85 10.14
C LEU A 144 5.21 -9.60 10.34
N ALA A 145 4.87 -8.84 11.38
CA ALA A 145 3.49 -8.42 11.63
C ALA A 145 2.96 -7.52 10.49
N VAL A 146 3.81 -6.59 10.03
CA VAL A 146 3.46 -5.70 8.90
C VAL A 146 3.33 -6.48 7.58
N ALA A 147 4.29 -7.37 7.32
CA ALA A 147 4.29 -8.21 6.10
C ALA A 147 3.05 -9.09 5.99
N SER A 148 2.57 -9.59 7.13
CA SER A 148 1.41 -10.49 7.18
C SER A 148 0.09 -9.78 6.84
N GLN A 149 -0.09 -8.57 7.36
CA GLN A 149 -1.32 -7.80 7.12
C GLN A 149 -1.45 -7.35 5.66
N VAL A 150 -0.35 -6.89 5.07
CA VAL A 150 -0.29 -6.56 3.64
C VAL A 150 -0.55 -7.80 2.79
N ALA A 151 0.00 -8.95 3.20
CA ALA A 151 -0.26 -10.24 2.56
C ALA A 151 -1.73 -10.66 2.68
N ALA A 152 -2.33 -10.42 3.85
CA ALA A 152 -3.75 -10.73 4.11
C ALA A 152 -4.71 -9.99 3.17
N GLY A 153 -4.39 -8.73 2.84
CA GLY A 153 -5.18 -7.94 1.90
C GLY A 153 -5.14 -8.45 0.47
N MET A 154 -3.96 -8.91 0.05
CA MET A 154 -3.77 -9.43 -1.31
C MET A 154 -4.45 -10.79 -1.56
N VAL A 155 -4.70 -11.55 -0.49
CA VAL A 155 -5.48 -12.79 -0.59
C VAL A 155 -6.95 -12.47 -0.94
N TYR A 156 -7.49 -11.44 -0.29
CA TYR A 156 -8.86 -10.98 -0.56
C TYR A 156 -9.03 -10.48 -2.00
N LEU A 157 -8.10 -9.65 -2.47
CA LEU A 157 -8.14 -9.11 -3.85
C LEU A 157 -7.95 -10.19 -4.91
N ALA A 158 -7.05 -11.13 -4.65
CA ALA A 158 -6.85 -12.30 -5.51
C ALA A 158 -8.10 -13.19 -5.58
N GLY A 159 -8.77 -13.35 -4.44
CA GLY A 159 -10.02 -14.12 -4.36
C GLY A 159 -11.15 -13.59 -5.23
N LEU A 160 -11.32 -12.27 -5.25
CA LEU A 160 -12.28 -11.60 -6.14
C LEU A 160 -11.74 -11.37 -7.56
N HIS A 161 -10.46 -11.67 -7.77
CA HIS A 161 -9.78 -11.58 -9.09
C HIS A 161 -9.66 -10.17 -9.58
N PHE A 162 -9.24 -9.29 -8.66
CA PHE A 162 -8.91 -7.91 -8.96
C PHE A 162 -7.38 -7.79 -8.94
N VAL A 163 -6.83 -7.14 -9.96
CA VAL A 163 -5.39 -6.88 -10.05
C VAL A 163 -5.11 -5.43 -9.60
N HIS A 164 -4.10 -5.26 -8.76
CA HIS A 164 -3.74 -3.94 -8.23
C HIS A 164 -2.95 -3.13 -9.22
N ARG A 165 -1.93 -3.74 -9.81
CA ARG A 165 -1.04 -3.10 -10.81
C ARG A 165 -0.04 -2.06 -10.26
N ASP A 166 -0.08 -1.76 -8.96
CA ASP A 166 0.83 -0.80 -8.33
C ASP A 166 0.91 -1.02 -6.81
N LEU A 167 1.21 -2.25 -6.43
CA LEU A 167 1.39 -2.60 -5.02
C LEU A 167 2.78 -2.13 -4.55
N ALA A 168 2.77 -1.28 -3.52
CA ALA A 168 4.00 -0.81 -2.88
C ALA A 168 3.67 -0.26 -1.50
N THR A 169 4.70 -0.08 -0.68
CA THR A 169 4.53 0.44 0.69
C THR A 169 4.01 1.89 0.71
N ARG A 170 4.37 2.67 -0.31
CA ARG A 170 3.83 4.02 -0.48
C ARG A 170 2.30 4.07 -0.65
N ASN A 171 1.71 2.98 -1.15
CA ASN A 171 0.25 2.81 -1.22
C ASN A 171 -0.33 1.94 -0.08
N CYS A 172 0.35 1.96 1.08
CA CYS A 172 -0.14 1.30 2.30
C CYS A 172 -0.11 2.29 3.46
N LEU A 173 -1.25 2.44 4.16
CA LEU A 173 -1.35 3.30 5.34
C LEU A 173 -1.25 2.50 6.63
N VAL A 174 -0.71 3.14 7.68
CA VAL A 174 -0.54 2.53 9.01
C VAL A 174 -1.31 3.34 10.05
N GLY A 175 -2.04 2.65 10.92
CA GLY A 175 -2.86 3.29 11.96
C GLY A 175 -2.49 2.89 13.38
N GLN A 176 -3.28 3.38 14.33
CA GLN A 176 -3.14 3.10 15.76
C GLN A 176 -3.13 1.58 16.01
N GLY A 177 -2.20 1.13 16.84
CA GLY A 177 -1.97 -0.31 17.07
C GLY A 177 -1.22 -1.01 15.95
N LEU A 178 -0.54 -0.23 15.10
CA LEU A 178 0.15 -0.72 13.90
C LEU A 178 -0.74 -1.60 13.02
N VAL A 179 -1.94 -1.10 12.74
CA VAL A 179 -2.85 -1.72 11.78
C VAL A 179 -2.51 -1.21 10.37
N VAL A 180 -2.11 -2.11 9.49
CA VAL A 180 -1.71 -1.77 8.11
C VAL A 180 -2.84 -2.08 7.12
N LYS A 181 -3.05 -1.20 6.14
CA LYS A 181 -4.12 -1.37 5.14
C LYS A 181 -3.66 -0.94 3.74
N ILE A 182 -4.08 -1.69 2.71
CA ILE A 182 -3.71 -1.43 1.31
C ILE A 182 -4.67 -0.43 0.65
N GLY A 183 -4.11 0.47 -0.15
CA GLY A 183 -4.88 1.41 -0.97
C GLY A 183 -4.22 1.66 -2.32
N ASP A 184 -4.56 2.79 -2.94
CA ASP A 184 -3.97 3.20 -4.22
C ASP A 184 -4.10 4.73 -4.34
N PHE A 185 -2.98 5.44 -4.14
CA PHE A 185 -3.02 6.90 -3.98
C PHE A 185 -2.41 7.65 -5.16
N GLY A 186 -3.15 8.63 -5.66
CA GLY A 186 -2.66 9.56 -6.68
C GLY A 186 -1.61 10.52 -6.17
N MET A 187 -1.59 10.77 -4.86
CA MET A 187 -0.53 11.55 -4.21
C MET A 187 0.86 10.94 -4.34
N SER A 188 0.91 9.60 -4.42
CA SER A 188 2.16 8.85 -4.59
C SER A 188 2.91 9.19 -5.88
N ARG A 189 2.18 9.56 -6.93
CA ARG A 189 2.78 9.99 -8.20
C ARG A 189 3.51 11.35 -8.12
N ASP A 190 3.20 12.16 -7.10
CA ASP A 190 3.89 13.43 -6.84
C ASP A 190 4.99 13.29 -5.80
N ILE A 191 4.65 12.73 -4.64
CA ILE A 191 5.58 12.60 -3.51
C ILE A 191 6.72 11.64 -3.84
N TYR A 192 6.38 10.50 -4.47
CA TYR A 192 7.35 9.48 -4.88
C TYR A 192 7.42 9.40 -6.42
N SER A 193 7.60 10.54 -7.07
CA SER A 193 7.72 10.59 -8.55
C SER A 193 8.95 9.83 -9.06
N THR A 194 10.00 9.80 -8.25
CA THR A 194 11.22 9.03 -8.52
C THR A 194 10.97 7.50 -8.67
N ASP A 195 9.95 6.98 -7.99
CA ASP A 195 9.61 5.55 -8.06
C ASP A 195 8.88 5.12 -9.34
N TYR A 196 8.53 6.08 -10.21
CA TYR A 196 7.89 5.77 -11.50
C TYR A 196 8.75 6.19 -12.68
N TYR A 197 8.60 5.45 -13.79
CA TYR A 197 9.24 5.76 -15.07
C TYR A 197 8.17 6.32 -15.99
N ARG A 198 8.31 7.57 -16.41
CA ARG A 198 7.33 8.22 -17.29
C ARG A 198 7.46 7.70 -18.72
N VAL A 199 6.31 7.45 -19.34
CA VAL A 199 6.21 6.93 -20.70
C VAL A 199 5.06 7.61 -21.43
N GLY A 200 5.21 7.89 -22.72
CA GLY A 200 4.13 8.44 -23.54
C GLY A 200 3.87 9.94 -23.35
N GLY A 201 3.83 10.38 -22.09
CA GLY A 201 3.54 11.77 -21.74
C GLY A 201 2.80 11.83 -20.41
N ARG A 202 1.72 11.04 -20.31
CA ARG A 202 0.89 10.95 -19.11
C ARG A 202 0.86 9.58 -18.41
N THR A 203 1.56 8.58 -18.96
CA THR A 203 1.66 7.25 -18.34
C THR A 203 2.91 7.18 -17.46
N MET A 204 2.81 6.46 -16.34
CA MET A 204 3.90 6.30 -15.38
C MET A 204 3.94 4.86 -14.86
N LEU A 205 5.03 4.14 -15.18
CA LEU A 205 5.17 2.72 -14.85
C LEU A 205 6.11 2.54 -13.64
N PRO A 206 5.63 1.83 -12.59
CA PRO A 206 6.50 1.53 -11.44
C PRO A 206 7.39 0.31 -11.75
N ILE A 207 8.37 0.52 -12.65
CA ILE A 207 9.19 -0.58 -13.20
C ILE A 207 9.91 -1.43 -12.16
N ARG A 208 10.38 -0.80 -11.09
CA ARG A 208 11.11 -1.49 -10.02
C ARG A 208 10.27 -2.53 -9.25
N TRP A 209 8.95 -2.45 -9.35
CA TRP A 209 8.02 -3.42 -8.75
C TRP A 209 7.41 -4.40 -9.72
N MET A 210 7.65 -4.20 -11.03
CA MET A 210 7.02 -5.02 -12.07
C MET A 210 7.85 -6.24 -12.45
N PRO A 211 7.19 -7.37 -12.80
CA PRO A 211 7.90 -8.56 -13.26
C PRO A 211 8.34 -8.47 -14.73
N PRO A 212 9.08 -9.48 -15.24
CA PRO A 212 9.49 -9.51 -16.65
C PRO A 212 8.34 -9.49 -17.67
N GLU A 213 7.30 -10.30 -17.47
CA GLU A 213 6.17 -10.33 -18.44
C GLU A 213 5.41 -9.01 -18.52
N SER A 214 5.37 -8.25 -17.41
CA SER A 214 4.75 -6.93 -17.39
C SER A 214 5.58 -5.89 -18.15
N ILE A 215 6.90 -5.90 -17.96
CA ILE A 215 7.77 -4.93 -18.62
C ILE A 215 7.83 -5.18 -20.13
N LEU A 216 8.09 -6.43 -20.52
CA LEU A 216 8.25 -6.81 -21.93
C LEU A 216 6.94 -6.86 -22.69
N TYR A 217 6.00 -7.67 -22.21
CA TYR A 217 4.74 -7.97 -22.92
C TYR A 217 3.54 -7.12 -22.51
N ARG A 218 3.68 -6.33 -21.43
CA ARG A 218 2.63 -5.45 -20.92
C ARG A 218 1.37 -6.22 -20.47
N LYS A 219 1.59 -7.31 -19.73
CA LYS A 219 0.52 -8.15 -19.17
C LYS A 219 0.54 -8.08 -17.64
N PHE A 220 -0.59 -7.70 -17.05
CA PHE A 220 -0.75 -7.63 -15.59
C PHE A 220 -1.80 -8.64 -15.15
N THR A 221 -1.43 -9.50 -14.20
CA THR A 221 -2.31 -10.57 -13.67
C THR A 221 -2.09 -10.72 -12.15
N THR A 222 -2.80 -11.68 -11.55
CA THR A 222 -2.59 -12.05 -10.14
C THR A 222 -1.16 -12.56 -9.85
N GLU A 223 -0.55 -13.19 -10.85
CA GLU A 223 0.83 -13.65 -10.74
C GLU A 223 1.82 -12.47 -10.76
N SER A 224 1.51 -11.45 -11.55
CA SER A 224 2.31 -10.21 -11.53
C SER A 224 2.17 -9.42 -10.22
N ASP A 225 1.04 -9.59 -9.53
CA ASP A 225 0.84 -9.01 -8.19
C ASP A 225 1.71 -9.66 -7.10
N VAL A 226 1.91 -10.98 -7.19
CA VAL A 226 2.75 -11.71 -6.23
C VAL A 226 4.22 -11.26 -6.29
N TRP A 227 4.71 -11.03 -7.50
CA TRP A 227 6.06 -10.48 -7.73
C TRP A 227 6.25 -9.17 -7.01
N SER A 228 5.25 -8.29 -7.12
CA SER A 228 5.27 -6.98 -6.44
C SER A 228 5.26 -7.13 -4.92
N PHE A 229 4.50 -8.09 -4.40
CA PHE A 229 4.52 -8.39 -2.95
C PHE A 229 5.90 -8.86 -2.47
N GLY A 230 6.60 -9.63 -3.31
CA GLY A 230 7.99 -10.00 -3.05
C GLY A 230 8.90 -8.79 -2.91
N VAL A 231 8.71 -7.82 -3.79
CA VAL A 231 9.43 -6.54 -3.71
C VAL A 231 8.99 -5.73 -2.49
N VAL A 232 7.68 -5.77 -2.15
CA VAL A 232 7.17 -5.15 -0.92
C VAL A 232 7.74 -5.83 0.33
N LEU A 233 7.94 -7.15 0.26
CA LEU A 233 8.61 -7.90 1.33
C LEU A 233 10.08 -7.50 1.49
N TRP A 234 10.72 -7.16 0.37
CA TRP A 234 12.09 -6.64 0.37
C TRP A 234 12.18 -5.24 0.95
N GLU A 235 11.22 -4.37 0.62
CA GLU A 235 11.13 -3.01 1.18
C GLU A 235 11.11 -2.99 2.72
N ILE A 236 10.31 -3.88 3.31
CA ILE A 236 10.09 -3.93 4.76
C ILE A 236 11.37 -4.25 5.53
N PHE A 237 12.09 -5.29 5.08
CA PHE A 237 13.34 -5.71 5.73
C PHE A 237 14.57 -4.85 5.37
N THR A 238 14.40 -3.90 4.45
CA THR A 238 15.41 -2.85 4.22
C THR A 238 15.01 -1.52 4.90
N TYR A 239 13.92 -1.53 5.66
CA TYR A 239 13.33 -0.32 6.27
C TYR A 239 13.06 0.79 5.24
N GLY A 240 12.45 0.40 4.12
CA GLY A 240 11.91 1.33 3.13
C GLY A 240 12.87 1.88 2.08
N LYS A 241 13.94 1.15 1.77
CA LYS A 241 14.84 1.53 0.66
C LYS A 241 14.18 1.24 -0.69
N GLN A 242 14.57 1.98 -1.72
CA GLN A 242 14.07 1.77 -3.08
C GLN A 242 14.77 0.55 -3.70
N PRO A 243 14.03 -0.37 -4.36
CA PRO A 243 14.71 -1.49 -5.01
C PRO A 243 15.50 -1.03 -6.24
N TRP A 244 16.74 -1.50 -6.36
CA TRP A 244 17.69 -1.08 -7.40
C TRP A 244 17.98 0.42 -7.38
N TYR A 245 18.10 0.98 -6.18
CA TYR A 245 18.37 2.43 -5.99
C TYR A 245 19.66 2.91 -6.67
N GLN A 246 20.67 2.05 -6.72
CA GLN A 246 21.94 2.33 -7.41
C GLN A 246 21.80 2.42 -8.94
N LEU A 247 20.77 1.78 -9.51
CA LEU A 247 20.54 1.78 -10.95
C LEU A 247 19.56 2.87 -11.37
N SER A 248 19.76 3.40 -12.58
CA SER A 248 18.78 4.26 -13.24
C SER A 248 17.61 3.42 -13.78
N ASN A 249 16.59 4.08 -14.29
CA ASN A 249 15.37 3.39 -14.79
C ASN A 249 15.67 2.42 -15.92
N THR A 250 16.40 2.89 -16.93
CA THR A 250 16.84 2.05 -18.06
C THR A 250 17.77 0.91 -17.62
N GLU A 251 18.67 1.21 -16.68
CA GLU A 251 19.53 0.19 -16.07
C GLU A 251 18.73 -0.87 -15.28
N ALA A 252 17.64 -0.43 -14.63
CA ALA A 252 16.74 -1.34 -13.89
C ALA A 252 15.90 -2.25 -14.80
N ILE A 253 15.48 -1.72 -15.95
CA ILE A 253 14.71 -2.51 -16.93
C ILE A 253 15.57 -3.65 -17.53
N ASP A 254 16.83 -3.33 -17.85
CA ASP A 254 17.80 -4.34 -18.30
C ASP A 254 18.04 -5.42 -17.24
N CYS A 255 18.14 -4.98 -15.99
CA CYS A 255 18.46 -5.86 -14.86
C CYS A 255 17.37 -6.90 -14.58
N ILE A 256 16.11 -6.46 -14.59
CA ILE A 256 14.96 -7.33 -14.28
C ILE A 256 14.67 -8.32 -15.42
N THR A 257 14.73 -7.84 -16.67
CA THR A 257 14.46 -8.67 -17.85
C THR A 257 15.54 -9.74 -18.08
N GLN A 258 16.79 -9.42 -17.75
CA GLN A 258 17.91 -10.37 -17.85
C GLN A 258 18.03 -11.36 -16.67
N GLY A 259 17.13 -11.26 -15.69
CA GLY A 259 16.99 -12.29 -14.64
C GLY A 259 17.77 -12.08 -13.36
N ARG A 260 18.41 -10.92 -13.21
CA ARG A 260 19.16 -10.60 -11.99
C ARG A 260 18.19 -10.18 -10.88
N GLU A 261 18.48 -10.58 -9.65
CA GLU A 261 17.54 -10.47 -8.52
C GLU A 261 18.14 -9.75 -7.31
N LEU A 262 17.26 -9.20 -6.47
CA LEU A 262 17.67 -8.39 -5.31
C LEU A 262 18.36 -9.22 -4.23
N GLU A 263 19.29 -8.59 -3.51
CA GLU A 263 20.05 -9.25 -2.44
C GLU A 263 19.20 -9.43 -1.18
N ARG A 264 19.63 -10.34 -0.31
CA ARG A 264 19.03 -10.51 1.02
C ARG A 264 19.48 -9.36 1.91
N PRO A 265 18.53 -8.59 2.50
CA PRO A 265 18.94 -7.54 3.45
C PRO A 265 19.53 -8.08 4.76
N ARG A 266 20.25 -7.21 5.47
CA ARG A 266 20.89 -7.56 6.75
C ARG A 266 19.88 -8.03 7.81
N ALA A 267 18.73 -7.35 7.87
CA ALA A 267 17.66 -7.71 8.82
C ALA A 267 16.95 -9.01 8.45
N CYS A 268 16.91 -9.36 7.17
CA CYS A 268 16.13 -10.50 6.69
C CYS A 268 16.78 -11.84 7.06
N PRO A 269 16.06 -12.71 7.81
CA PRO A 269 16.58 -14.06 8.03
C PRO A 269 16.40 -14.96 6.79
N PRO A 270 17.30 -15.95 6.59
CA PRO A 270 17.26 -16.88 5.44
C PRO A 270 15.89 -17.47 5.09
N GLU A 271 15.12 -17.82 6.12
CA GLU A 271 13.78 -18.39 5.95
C GLU A 271 12.83 -17.42 5.23
N VAL A 272 12.92 -16.12 5.56
CA VAL A 272 12.09 -15.08 4.94
C VAL A 272 12.54 -14.76 3.50
N TYR A 273 13.85 -14.77 3.25
CA TYR A 273 14.38 -14.58 1.89
C TYR A 273 13.98 -15.71 0.92
N ALA A 274 13.74 -16.91 1.44
CA ALA A 274 13.15 -18.01 0.67
C ALA A 274 11.75 -17.68 0.14
N ILE A 275 10.99 -16.91 0.92
CA ILE A 275 9.63 -16.50 0.53
C ILE A 275 9.66 -15.43 -0.56
N MET A 276 10.66 -14.54 -0.53
CA MET A 276 10.86 -13.54 -1.60
C MET A 276 11.19 -14.23 -2.92
N ARG A 277 12.17 -15.14 -2.89
CA ARG A 277 12.54 -15.95 -4.07
C ARG A 277 11.37 -16.78 -4.58
N GLY A 278 10.47 -17.20 -3.68
CA GLY A 278 9.25 -17.88 -4.04
C GLY A 278 8.32 -17.05 -4.92
N CYS A 279 8.21 -15.77 -4.61
CA CYS A 279 7.45 -14.82 -5.45
C CYS A 279 8.14 -14.48 -6.78
N TRP A 280 9.47 -14.61 -6.83
CA TRP A 280 10.28 -14.14 -7.97
C TRP A 280 10.63 -15.19 -9.03
N GLN A 281 9.82 -16.24 -9.16
CA GLN A 281 10.05 -17.26 -10.19
C GLN A 281 9.79 -16.66 -11.57
N ARG A 282 10.67 -16.98 -12.54
CA ARG A 282 10.67 -16.32 -13.85
C ARG A 282 9.38 -16.56 -14.63
N GLU A 283 9.03 -17.84 -14.83
CA GLU A 283 7.75 -18.20 -15.45
C GLU A 283 6.62 -18.01 -14.42
N PRO A 284 5.57 -17.21 -14.77
CA PRO A 284 4.45 -16.93 -13.84
C PRO A 284 3.75 -18.14 -13.23
N GLN A 285 3.57 -19.19 -14.01
CA GLN A 285 2.87 -20.41 -13.56
C GLN A 285 3.57 -21.15 -12.41
N GLN A 286 4.90 -21.00 -12.32
CA GLN A 286 5.70 -21.62 -11.24
C GLN A 286 5.85 -20.78 -9.97
N ARG A 287 5.32 -19.55 -9.95
CA ARG A 287 5.31 -18.72 -8.73
C ARG A 287 4.32 -19.26 -7.71
N HIS A 288 4.59 -19.03 -6.43
CA HIS A 288 3.68 -19.43 -5.34
C HIS A 288 2.42 -18.60 -5.34
N SER A 289 1.37 -19.13 -4.73
CA SER A 289 0.11 -18.40 -4.55
C SER A 289 0.23 -17.50 -3.32
N ILE A 290 -0.54 -16.40 -3.34
CA ILE A 290 -0.56 -15.44 -2.22
C ILE A 290 -1.11 -16.06 -0.92
N LYS A 291 -2.02 -17.03 -1.06
CA LYS A 291 -2.60 -17.73 0.10
C LYS A 291 -1.55 -18.52 0.89
N ASP A 292 -0.66 -19.21 0.18
CA ASP A 292 0.42 -19.98 0.80
C ASP A 292 1.53 -19.09 1.38
N VAL A 293 1.77 -17.94 0.75
CA VAL A 293 2.75 -16.95 1.24
C VAL A 293 2.26 -16.33 2.56
N HIS A 294 0.98 -15.98 2.62
CA HIS A 294 0.33 -15.48 3.85
C HIS A 294 0.39 -16.50 4.96
N ALA A 295 0.17 -17.77 4.63
CA ALA A 295 0.21 -18.88 5.59
C ALA A 295 1.55 -18.96 6.33
N ARG A 296 2.64 -18.83 5.59
CA ARG A 296 3.99 -18.81 6.16
C ARG A 296 4.23 -17.59 7.07
N LEU A 297 3.89 -16.41 6.56
CA LEU A 297 4.18 -15.15 7.26
C LEU A 297 3.34 -14.97 8.52
N GLN A 298 2.06 -15.32 8.46
CA GLN A 298 1.18 -15.28 9.64
C GLN A 298 1.64 -16.27 10.71
N ALA A 299 2.01 -17.48 10.28
CA ALA A 299 2.57 -18.50 11.16
C ALA A 299 3.89 -18.04 11.78
N LEU A 300 4.77 -17.50 10.95
CA LEU A 300 6.04 -16.92 11.40
C LEU A 300 5.85 -15.73 12.37
N ALA A 301 4.85 -14.90 12.09
CA ALA A 301 4.56 -13.72 12.91
C ALA A 301 4.10 -14.08 14.32
N GLN A 302 3.17 -15.03 14.40
CA GLN A 302 2.61 -15.47 15.69
C GLN A 302 3.47 -16.49 16.46
N ALA A 303 4.62 -16.90 15.91
CA ALA A 303 5.53 -17.85 16.59
C ALA A 303 6.16 -17.24 17.84
N PRO A 304 6.50 -18.09 18.84
CA PRO A 304 7.02 -17.60 20.12
C PRO A 304 8.47 -17.08 20.04
N PRO A 305 8.87 -16.17 20.95
CA PRO A 305 10.24 -15.62 21.01
C PRO A 305 11.39 -16.64 20.91
N VAL A 306 11.21 -17.83 21.48
CA VAL A 306 12.20 -18.90 21.41
C VAL A 306 12.47 -19.35 19.96
N TYR A 307 11.41 -19.46 19.17
CA TYR A 307 11.51 -19.82 17.75
C TYR A 307 12.13 -18.70 16.91
N LEU A 308 11.63 -17.47 17.10
CA LEU A 308 12.07 -16.31 16.32
C LEU A 308 13.51 -15.85 16.63
N ASP A 309 14.00 -16.10 17.85
CA ASP A 309 15.38 -15.75 18.21
C ASP A 309 16.41 -16.61 17.46
N VAL A 310 16.13 -17.90 17.32
CA VAL A 310 17.00 -18.81 16.52
C VAL A 310 16.78 -18.70 15.00
N LEU A 311 15.74 -17.99 14.57
CA LEU A 311 15.46 -17.77 13.15
C LEU A 311 16.42 -16.73 12.57
C2 OOD B . -7.44 7.88 -0.84
C4 OOD B . -8.03 6.25 -2.56
C5 OOD B . -7.75 4.80 -2.88
C8 OOD B . -8.34 2.92 -4.36
C15 OOD B . -9.62 3.66 -8.95
C16 OOD B . -8.94 4.86 -9.12
C17 OOD B . -8.06 5.29 -8.14
C18 OOD B . -7.86 4.53 -6.99
C19 OOD B . -7.92 -0.74 -4.03
C21 OOD B . -7.96 -1.66 -5.26
C23 OOD B . -6.96 8.21 0.53
C24 OOD B . -6.27 9.41 0.77
C27 OOD B . -6.75 7.64 2.87
C30 OOD B . -4.52 9.86 4.79
O1 OOD B . -7.65 8.77 -1.63
O3 OOD B . -7.63 6.58 -1.19
O6 OOD B . -6.90 4.20 -2.26
N7 OOD B . -8.46 4.24 -3.90
C9 OOD B . -8.17 1.79 -3.60
C10 OOD B . -8.10 0.70 -4.46
N11 OOD B . -8.22 1.14 -5.68
N12 OOD B . -8.38 2.52 -5.66
C13 OOD B . -8.55 3.32 -6.81
C14 OOD B . -9.43 2.90 -7.81
C20 OOD B . -9.04 -1.13 -3.07
C22 OOD B . -6.58 -0.90 -3.32
C25 OOD B . -5.81 9.72 2.05
C26 OOD B . -6.05 8.84 3.12
C28 OOD B . -7.19 7.34 1.60
N29 OOD B . -5.60 9.12 4.41
N31 OOD B . -4.46 9.84 6.08
N32 OOD B . -5.42 9.14 6.58
N33 OOD B . -6.14 8.66 5.63
#